data_3MTS
#
_entry.id   3MTS
#
_cell.length_a   99.528
_cell.length_b   99.528
_cell.length_c   118.321
_cell.angle_alpha   90.00
_cell.angle_beta   90.00
_cell.angle_gamma   120.00
#
_symmetry.space_group_name_H-M   'H 3 2'
#
loop_
_entity.id
_entity.type
_entity.pdbx_description
1 polymer 'Histone-lysine N-methyltransferase SUV39H1'
2 water water
#
_entity_poly.entity_id   1
_entity_poly.type   'polypeptide(L)'
_entity_poly.pdbx_seq_one_letter_code
;GEVEYLCDYKKIREQEYYLVKWRGYPDSESTWEPRQNLKCVRILKQFHKDLERELLRRHHRSKT
;
_entity_poly.pdbx_strand_id   A,B,C
#
# COMPACT_ATOMS: atom_id res chain seq x y z
N GLY A 1 4.37 22.82 17.94
CA GLY A 1 4.80 21.48 18.46
C GLY A 1 5.60 20.79 17.37
N GLU A 2 6.74 20.20 17.73
CA GLU A 2 7.57 19.56 16.73
C GLU A 2 7.76 18.10 17.10
N VAL A 3 7.42 17.23 16.16
CA VAL A 3 7.60 15.81 16.36
C VAL A 3 9.08 15.51 16.22
N GLU A 4 9.68 14.94 17.28
CA GLU A 4 11.02 14.40 17.17
C GLU A 4 11.04 13.04 16.47
N TYR A 5 10.14 12.13 16.86
CA TYR A 5 10.00 10.82 16.20
C TYR A 5 8.68 10.18 16.59
N LEU A 6 8.28 9.18 15.78
CA LEU A 6 7.06 8.41 15.99
C LEU A 6 7.40 7.05 16.61
N CYS A 7 6.60 6.65 17.59
CA CYS A 7 6.89 5.46 18.37
C CYS A 7 6.00 4.27 18.05
N ASP A 8 4.85 4.51 17.45
CA ASP A 8 3.83 3.48 17.28
C ASP A 8 2.66 4.00 16.46
N TYR A 9 1.78 3.10 16.04
CA TYR A 9 0.69 3.42 15.11
C TYR A 9 -0.52 2.56 15.42
N LYS A 10 -1.71 3.16 15.41
CA LYS A 10 -2.94 2.39 15.57
C LYS A 10 -4.07 3.02 14.77
N LYS A 11 -5.09 2.22 14.50
CA LYS A 11 -6.20 2.66 13.69
C LYS A 11 -7.48 2.28 14.38
N ILE A 12 -8.18 3.26 14.97
CA ILE A 12 -9.57 3.04 15.41
C ILE A 12 -10.54 4.09 14.84
N ARG A 13 -11.51 3.70 14.03
CA ARG A 13 -11.55 2.41 13.31
C ARG A 13 -11.38 2.79 11.85
N GLU A 14 -11.80 4.01 11.53
CA GLU A 14 -11.43 4.70 10.31
C GLU A 14 -10.26 5.66 10.59
N GLN A 15 -10.15 6.12 11.83
CA GLN A 15 -9.18 7.14 12.23
C GLN A 15 -7.79 6.56 12.59
N GLU A 16 -6.73 7.11 12.00
CA GLU A 16 -5.35 6.71 12.34
C GLU A 16 -4.73 7.58 13.45
N TYR A 17 -4.01 6.92 14.36
CA TYR A 17 -3.29 7.58 15.49
C TYR A 17 -1.83 7.18 15.56
N TYR A 18 -0.99 8.12 16.00
CA TYR A 18 0.45 7.95 16.10
C TYR A 18 0.93 8.31 17.51
N LEU A 19 1.78 7.46 18.10
CA LEU A 19 2.37 7.77 19.40
C LEU A 19 3.58 8.66 19.11
N VAL A 20 3.47 9.92 19.52
CA VAL A 20 4.39 10.99 19.11
C VAL A 20 5.33 11.33 20.26
N LYS A 21 6.63 11.21 20.01
CA LYS A 21 7.61 11.77 20.95
C LYS A 21 7.93 13.24 20.59
N TRP A 22 7.51 14.17 21.44
CA TRP A 22 7.67 15.61 21.16
C TRP A 22 9.04 16.13 21.50
N ARG A 23 9.59 16.96 20.61
CA ARG A 23 10.79 17.72 20.92
C ARG A 23 10.56 18.49 22.21
N GLY A 24 11.49 18.36 23.15
CA GLY A 24 11.38 19.05 24.44
C GLY A 24 10.63 18.31 25.53
N TYR A 25 10.14 17.11 25.22
CA TYR A 25 9.51 16.25 26.24
C TYR A 25 10.38 15.02 26.33
N PRO A 26 10.46 14.38 27.51
CA PRO A 26 11.13 13.07 27.57
C PRO A 26 10.35 11.99 26.79
N ASP A 27 11.00 10.87 26.45
CA ASP A 27 10.32 9.71 25.80
C ASP A 27 9.03 9.25 26.49
N SER A 28 9.01 9.21 27.81
CA SER A 28 7.82 8.75 28.53
C SER A 28 6.67 9.75 28.44
N GLU A 29 6.93 10.93 27.89
CA GLU A 29 5.85 11.90 27.73
C GLU A 29 5.23 11.88 26.33
N SER A 30 5.49 10.84 25.55
CA SER A 30 4.88 10.74 24.22
C SER A 30 3.34 10.62 24.32
N THR A 31 2.63 11.18 23.35
CA THR A 31 1.16 11.14 23.37
C THR A 31 0.58 10.68 22.03
N TRP A 32 -0.60 10.07 22.09
CA TRP A 32 -1.27 9.62 20.89
C TRP A 32 -1.90 10.79 20.15
N GLU A 33 -1.67 10.88 18.85
CA GLU A 33 -2.15 12.00 18.06
C GLU A 33 -2.74 11.55 16.74
N PRO A 34 -3.92 12.07 16.37
CA PRO A 34 -4.57 11.68 15.12
C PRO A 34 -3.79 12.20 13.93
N ARG A 35 -3.79 11.45 12.83
CA ARG A 35 -3.03 11.82 11.63
C ARG A 35 -3.08 13.30 11.22
N GLN A 36 -4.27 13.93 11.24
CA GLN A 36 -4.41 15.34 10.79
C GLN A 36 -3.73 16.37 11.69
N ASN A 37 -3.39 15.99 12.91
CA ASN A 37 -2.62 16.89 13.77
C ASN A 37 -1.17 17.07 13.32
N LEU A 38 -0.66 16.13 12.51
CA LEU A 38 0.77 16.07 12.22
C LEU A 38 1.15 16.52 10.80
N LYS A 39 2.26 17.26 10.71
CA LYS A 39 2.79 17.83 9.48
C LYS A 39 4.05 17.08 9.00
N CYS A 40 4.60 16.23 9.86
CA CYS A 40 5.92 15.60 9.64
C CYS A 40 5.93 14.47 8.60
N VAL A 41 5.76 14.83 7.33
CA VAL A 41 5.55 13.84 6.28
C VAL A 41 6.77 12.95 6.00
N ARG A 42 7.98 13.48 6.10
CA ARG A 42 9.20 12.68 5.88
C ARG A 42 9.35 11.60 6.95
N ILE A 43 9.14 12.00 8.19
CA ILE A 43 9.18 11.12 9.36
C ILE A 43 8.09 10.04 9.24
N LEU A 44 6.90 10.43 8.77
CA LEU A 44 5.81 9.48 8.62
C LEU A 44 6.15 8.41 7.59
N LYS A 45 6.73 8.86 6.48
CA LYS A 45 7.16 7.97 5.41
C LYS A 45 8.21 7.00 5.97
N GLN A 46 9.28 7.51 6.61
CA GLN A 46 10.32 6.63 7.20
C GLN A 46 9.73 5.64 8.19
N PHE A 47 8.81 6.13 9.04
CA PHE A 47 8.14 5.29 10.04
C PHE A 47 7.36 4.18 9.34
N HIS A 48 6.59 4.55 8.31
CA HIS A 48 5.80 3.55 7.60
C HIS A 48 6.64 2.53 6.86
N LYS A 49 7.71 2.96 6.20
CA LYS A 49 8.60 2.04 5.52
C LYS A 49 9.19 1.06 6.50
N ASP A 50 9.66 1.57 7.63
CA ASP A 50 10.21 0.71 8.66
C ASP A 50 9.20 -0.33 9.11
N LEU A 51 7.98 0.11 9.45
CA LEU A 51 6.94 -0.81 9.88
C LEU A 51 6.57 -1.78 8.74
N GLU A 52 6.38 -1.27 7.51
CA GLU A 52 6.14 -2.16 6.36
C GLU A 52 7.18 -3.29 6.31
N ARG A 53 8.47 -2.98 6.44
CA ARG A 53 9.49 -4.03 6.38
C ARG A 53 9.28 -5.11 7.46
N GLU A 54 8.90 -4.69 8.68
CA GLU A 54 8.65 -5.63 9.79
C GLU A 54 7.43 -6.51 9.55
N LEU A 55 6.32 -5.93 9.10
CA LEU A 55 5.15 -6.73 8.70
C LEU A 55 5.46 -7.67 7.53
N LEU A 56 6.30 -7.23 6.58
CA LEU A 56 6.72 -8.11 5.47
C LEU A 56 7.53 -9.28 6.02
N ARG A 57 8.55 -9.02 6.86
CA ARG A 57 9.29 -10.09 7.57
C ARG A 57 8.33 -11.12 8.21
N ARG A 58 7.34 -10.63 8.96
CA ARG A 58 6.24 -11.46 9.53
C ARG A 58 5.36 -12.21 8.51
N HIS A 59 5.11 -11.61 7.35
CA HIS A 59 4.26 -12.19 6.31
C HIS A 59 4.99 -13.41 5.71
N HIS A 60 6.30 -13.27 5.55
CA HIS A 60 7.16 -14.33 5.00
C HIS A 60 7.25 -15.54 5.91
N ARG A 61 7.37 -15.29 7.22
CA ARG A 61 7.34 -16.36 8.22
C ARG A 61 6.23 -17.38 7.92
N SER A 62 5.03 -16.88 7.63
CA SER A 62 3.88 -17.71 7.30
C SER A 62 3.89 -18.11 5.83
N GLY B 1 7.57 -12.35 -22.20
CA GLY B 1 6.14 -11.99 -22.29
C GLY B 1 5.88 -10.64 -21.65
N GLU B 2 4.61 -10.24 -21.59
CA GLU B 2 4.23 -8.95 -21.04
C GLU B 2 3.43 -9.11 -19.75
N VAL B 3 3.81 -8.34 -18.72
CA VAL B 3 3.27 -8.49 -17.37
C VAL B 3 1.85 -8.00 -17.33
N GLU B 4 0.91 -8.88 -17.01
CA GLU B 4 -0.47 -8.48 -16.81
C GLU B 4 -0.74 -8.00 -15.36
N TYR B 5 -0.33 -8.79 -14.38
CA TYR B 5 -0.32 -8.38 -12.97
C TYR B 5 0.47 -9.37 -12.15
N LEU B 6 0.75 -8.97 -10.91
CA LEU B 6 1.54 -9.77 -9.98
C LEU B 6 0.62 -10.46 -8.98
N CYS B 7 0.87 -11.76 -8.73
CA CYS B 7 -0.01 -12.56 -7.84
C CYS B 7 0.54 -12.80 -6.43
N ASP B 8 1.85 -12.72 -6.30
CA ASP B 8 2.49 -13.14 -5.08
C ASP B 8 3.87 -12.53 -5.00
N TYR B 9 4.44 -12.57 -3.81
CA TYR B 9 5.71 -11.95 -3.51
C TYR B 9 6.43 -12.84 -2.51
N LYS B 10 7.75 -12.99 -2.67
CA LYS B 10 8.56 -13.80 -1.76
C LYS B 10 9.97 -13.20 -1.72
N LYS B 11 10.57 -13.17 -0.53
CA LYS B 11 11.91 -12.62 -0.36
C LYS B 11 12.75 -13.64 0.39
N ILE B 12 13.74 -14.19 -0.30
CA ILE B 12 14.65 -15.18 0.26
C ILE B 12 16.04 -14.55 0.37
N ARG B 13 16.47 -14.32 1.60
CA ARG B 13 17.69 -13.56 1.93
C ARG B 13 17.67 -12.14 1.35
N GLU B 14 18.57 -11.84 0.42
CA GLU B 14 18.60 -10.53 -0.23
C GLU B 14 17.62 -10.40 -1.40
N GLN B 15 17.08 -11.53 -1.86
CA GLN B 15 16.49 -11.66 -3.20
C GLN B 15 14.93 -11.71 -3.22
N GLU B 16 14.35 -10.79 -3.99
CA GLU B 16 12.90 -10.66 -4.14
C GLU B 16 12.38 -11.32 -5.42
N TYR B 17 11.26 -12.00 -5.26
CA TYR B 17 10.62 -12.72 -6.35
C TYR B 17 9.15 -12.36 -6.37
N TYR B 18 8.58 -12.37 -7.58
CA TYR B 18 7.18 -12.06 -7.81
C TYR B 18 6.62 -13.10 -8.75
N LEU B 19 5.42 -13.58 -8.44
CA LEU B 19 4.73 -14.50 -9.32
C LEU B 19 3.97 -13.67 -10.36
N VAL B 20 4.31 -13.87 -11.63
CA VAL B 20 3.81 -13.01 -12.69
C VAL B 20 2.71 -13.68 -13.52
N LYS B 21 1.56 -13.01 -13.62
CA LYS B 21 0.57 -13.42 -14.59
C LYS B 21 0.94 -12.70 -15.88
N TRP B 22 1.21 -13.48 -16.93
CA TRP B 22 1.62 -12.95 -18.22
C TRP B 22 0.38 -12.72 -19.09
N ARG B 23 0.40 -11.68 -19.92
CA ARG B 23 -0.73 -11.37 -20.79
C ARG B 23 -0.91 -12.49 -21.82
N GLY B 24 -2.16 -12.90 -22.03
CA GLY B 24 -2.50 -13.92 -23.03
C GLY B 24 -2.35 -15.37 -22.58
N TYR B 25 -1.76 -15.58 -21.40
CA TYR B 25 -1.53 -16.94 -20.87
C TYR B 25 -2.33 -17.21 -19.60
N PRO B 26 -2.94 -18.42 -19.50
CA PRO B 26 -3.81 -18.78 -18.37
C PRO B 26 -3.08 -18.73 -17.04
N ASP B 27 -3.83 -18.52 -15.96
CA ASP B 27 -3.25 -18.29 -14.62
C ASP B 27 -2.29 -19.41 -14.16
N SER B 28 -2.44 -20.60 -14.72
CA SER B 28 -1.57 -21.75 -14.41
C SER B 28 -0.19 -21.70 -15.11
N GLU B 29 -0.01 -20.72 -16.00
CA GLU B 29 1.27 -20.50 -16.66
C GLU B 29 2.05 -19.40 -15.93
N SER B 30 1.59 -19.02 -14.75
CA SER B 30 2.23 -17.97 -13.97
C SER B 30 3.59 -18.46 -13.50
N THR B 31 4.59 -17.59 -13.53
CA THR B 31 5.98 -17.96 -13.15
C THR B 31 6.61 -16.96 -12.18
N TRP B 32 7.44 -17.49 -11.28
CA TRP B 32 8.19 -16.67 -10.34
C TRP B 32 9.35 -15.97 -11.07
N GLU B 33 9.43 -14.66 -10.90
CA GLU B 33 10.47 -13.84 -11.55
C GLU B 33 11.22 -13.03 -10.49
N PRO B 34 12.57 -12.97 -10.59
CA PRO B 34 13.36 -12.06 -9.75
C PRO B 34 12.99 -10.61 -10.05
N ARG B 35 13.00 -9.77 -9.03
CA ARG B 35 12.75 -8.32 -9.18
C ARG B 35 13.56 -7.69 -10.33
N GLN B 36 14.79 -8.14 -10.52
CA GLN B 36 15.69 -7.60 -11.54
C GLN B 36 15.15 -7.80 -12.96
N ASN B 37 14.30 -8.80 -13.15
CA ASN B 37 13.73 -9.06 -14.48
C ASN B 37 12.53 -8.16 -14.82
N LEU B 38 12.09 -7.35 -13.85
CA LEU B 38 10.86 -6.58 -13.96
C LEU B 38 11.18 -5.10 -14.08
N LYS B 39 10.36 -4.38 -14.85
CA LYS B 39 10.50 -2.94 -15.01
C LYS B 39 9.17 -2.24 -14.75
N CYS B 40 8.17 -3.00 -14.32
CA CYS B 40 6.80 -2.49 -14.11
C CYS B 40 6.65 -1.83 -12.73
N VAL B 41 7.30 -0.69 -12.56
CA VAL B 41 7.34 0.04 -11.30
C VAL B 41 5.98 0.49 -10.75
N ARG B 42 5.04 0.85 -11.63
CA ARG B 42 3.70 1.27 -11.15
C ARG B 42 2.85 0.09 -10.59
N ILE B 43 2.81 -0.99 -11.34
CA ILE B 43 2.19 -2.26 -10.92
C ILE B 43 2.78 -2.76 -9.58
N LEU B 44 4.11 -2.71 -9.48
CA LEU B 44 4.83 -3.02 -8.24
C LEU B 44 4.44 -2.15 -7.05
N LYS B 45 4.42 -0.84 -7.26
CA LYS B 45 3.98 0.09 -6.22
C LYS B 45 2.53 -0.20 -5.78
N GLN B 46 1.63 -0.41 -6.73
CA GLN B 46 0.21 -0.77 -6.42
C GLN B 46 0.13 -2.07 -5.61
N PHE B 47 0.81 -3.12 -6.10
CA PHE B 47 0.83 -4.42 -5.43
C PHE B 47 1.31 -4.26 -3.98
N HIS B 48 2.42 -3.55 -3.81
CA HIS B 48 2.98 -3.31 -2.50
C HIS B 48 2.14 -2.47 -1.60
N LYS B 49 1.47 -1.45 -2.15
CA LYS B 49 0.57 -0.66 -1.37
C LYS B 49 -0.61 -1.51 -0.85
N ASP B 50 -1.21 -2.34 -1.73
CA ASP B 50 -2.33 -3.20 -1.35
C ASP B 50 -1.89 -4.20 -0.30
N LEU B 51 -0.68 -4.72 -0.44
CA LEU B 51 -0.15 -5.66 0.52
C LEU B 51 0.07 -4.98 1.91
N GLU B 52 0.67 -3.79 1.88
CA GLU B 52 0.85 -3.00 3.11
C GLU B 52 -0.48 -2.68 3.81
N ARG B 53 -1.50 -2.23 3.08
CA ARG B 53 -2.79 -1.85 3.69
C ARG B 53 -3.40 -3.10 4.35
N GLU B 54 -3.33 -4.22 3.63
CA GLU B 54 -3.78 -5.52 4.15
C GLU B 54 -3.06 -5.91 5.45
N LEU B 55 -1.72 -5.87 5.45
CA LEU B 55 -0.93 -6.28 6.62
C LEU B 55 -1.14 -5.35 7.81
N LEU B 56 -1.38 -4.07 7.53
CA LEU B 56 -1.73 -3.09 8.55
C LEU B 56 -3.10 -3.37 9.19
N ARG B 57 -4.07 -3.75 8.36
CA ARG B 57 -5.37 -4.24 8.85
C ARG B 57 -5.21 -5.48 9.73
N ARG B 58 -4.37 -6.45 9.33
CA ARG B 58 -4.09 -7.63 10.17
C ARG B 58 -3.37 -7.30 11.50
N HIS B 59 -2.34 -6.46 11.40
CA HIS B 59 -1.58 -5.86 12.51
C HIS B 59 -2.48 -5.20 13.58
N HIS B 60 -3.78 -5.16 13.29
CA HIS B 60 -4.83 -4.66 14.22
C HIS B 60 -5.91 -5.70 14.56
N ARG B 61 -6.23 -6.60 13.61
CA ARG B 61 -7.34 -7.56 13.74
C ARG B 61 -7.15 -8.65 14.80
N GLY C 1 -4.28 14.34 -13.95
CA GLY C 1 -2.94 14.08 -13.36
C GLY C 1 -2.41 12.69 -13.64
N GLU C 2 -1.53 12.22 -12.75
CA GLU C 2 -0.91 10.90 -12.81
C GLU C 2 -1.28 10.09 -11.55
N VAL C 3 -1.93 8.96 -11.75
CA VAL C 3 -2.29 8.06 -10.65
C VAL C 3 -1.02 7.42 -10.11
N GLU C 4 -0.75 7.62 -8.82
CA GLU C 4 0.32 6.91 -8.12
C GLU C 4 -0.17 5.53 -7.65
N TYR C 5 -1.29 5.50 -6.93
CA TYR C 5 -1.95 4.23 -6.67
C TYR C 5 -3.42 4.44 -6.33
N LEU C 6 -4.18 3.35 -6.38
CA LEU C 6 -5.60 3.30 -6.03
C LEU C 6 -5.80 2.76 -4.64
N CYS C 7 -6.71 3.36 -3.88
CA CYS C 7 -6.81 3.10 -2.45
C CYS C 7 -8.11 2.46 -2.08
N ASP C 8 -9.15 2.63 -2.90
CA ASP C 8 -10.48 2.15 -2.56
C ASP C 8 -11.36 2.17 -3.81
N TYR C 9 -12.50 1.50 -3.73
CA TYR C 9 -13.36 1.27 -4.87
C TYR C 9 -14.80 1.33 -4.39
N LYS C 10 -15.71 1.73 -5.29
CA LYS C 10 -17.15 1.81 -4.98
C LYS C 10 -17.90 1.74 -6.30
N LYS C 11 -19.00 1.00 -6.33
CA LYS C 11 -19.90 0.98 -7.49
C LYS C 11 -21.26 1.49 -7.04
N ILE C 12 -21.78 2.51 -7.72
CA ILE C 12 -23.15 2.97 -7.49
C ILE C 12 -23.89 2.86 -8.81
N ARG C 13 -24.99 2.11 -8.81
CA ARG C 13 -25.72 1.71 -10.01
C ARG C 13 -24.74 0.98 -10.91
N GLU C 14 -24.56 1.44 -12.14
CA GLU C 14 -23.56 0.84 -13.01
C GLU C 14 -22.24 1.63 -13.06
N GLN C 15 -22.11 2.67 -12.24
CA GLN C 15 -20.93 3.53 -12.24
C GLN C 15 -19.85 3.11 -11.21
N GLU C 16 -18.64 2.82 -11.67
CA GLU C 16 -17.54 2.46 -10.77
C GLU C 16 -16.68 3.68 -10.44
N TYR C 17 -16.26 3.79 -9.17
CA TYR C 17 -15.44 4.90 -8.73
C TYR C 17 -14.21 4.39 -7.99
N TYR C 18 -13.11 5.13 -8.11
CA TYR C 18 -11.87 4.75 -7.47
C TYR C 18 -11.35 5.92 -6.67
N LEU C 19 -10.82 5.62 -5.49
CA LEU C 19 -10.14 6.63 -4.67
C LEU C 19 -8.69 6.66 -5.11
N VAL C 20 -8.25 7.79 -5.63
CA VAL C 20 -6.96 7.93 -6.30
C VAL C 20 -6.00 8.75 -5.49
N LYS C 21 -4.81 8.16 -5.23
CA LYS C 21 -3.69 8.92 -4.69
C LYS C 21 -2.87 9.43 -5.87
N TRP C 22 -2.77 10.76 -5.98
CA TRP C 22 -2.14 11.40 -7.14
C TRP C 22 -0.64 11.55 -6.93
N ARG C 23 0.13 11.35 -8.00
CA ARG C 23 1.56 11.51 -7.94
C ARG C 23 1.85 12.98 -7.62
N GLY C 24 2.59 13.22 -6.55
CA GLY C 24 2.98 14.59 -6.16
C GLY C 24 1.97 15.36 -5.33
N TYR C 25 0.95 14.66 -4.82
CA TYR C 25 0.01 15.22 -3.85
C TYR C 25 -0.01 14.37 -2.58
N PRO C 26 -0.16 15.01 -1.40
CA PRO C 26 -0.27 14.21 -0.18
C PRO C 26 -1.53 13.31 -0.12
N ASP C 27 -1.61 12.51 0.92
CA ASP C 27 -2.75 11.62 1.14
C ASP C 27 -4.07 12.35 1.17
N SER C 28 -4.14 13.42 1.96
CA SER C 28 -5.39 14.17 2.18
C SER C 28 -5.95 14.87 0.94
N GLU C 29 -5.16 14.91 -0.14
CA GLU C 29 -5.59 15.44 -1.42
C GLU C 29 -5.98 14.27 -2.38
N SER C 30 -6.17 13.08 -1.82
CA SER C 30 -6.68 11.95 -2.58
C SER C 30 -8.15 12.16 -2.91
N THR C 31 -8.54 11.97 -4.16
CA THR C 31 -9.93 12.18 -4.63
C THR C 31 -10.56 10.96 -5.29
N TRP C 32 -11.89 10.93 -5.25
CA TRP C 32 -12.65 9.90 -5.90
C TRP C 32 -12.80 10.25 -7.36
N GLU C 33 -12.72 9.23 -8.22
CA GLU C 33 -12.79 9.46 -9.65
C GLU C 33 -13.64 8.42 -10.30
N PRO C 34 -14.44 8.84 -11.29
CA PRO C 34 -15.16 7.88 -12.12
C PRO C 34 -14.15 7.06 -12.92
N ARG C 35 -14.41 5.77 -13.09
CA ARG C 35 -13.50 4.88 -13.83
C ARG C 35 -13.10 5.40 -15.23
N GLN C 36 -14.04 5.98 -15.98
CA GLN C 36 -13.72 6.49 -17.34
C GLN C 36 -12.71 7.64 -17.29
N ASN C 37 -12.51 8.25 -16.12
CA ASN C 37 -11.52 9.31 -15.98
C ASN C 37 -10.08 8.83 -15.96
N LEU C 38 -9.88 7.53 -15.77
CA LEU C 38 -8.56 6.99 -15.50
C LEU C 38 -8.12 6.18 -16.70
N LYS C 39 -6.85 6.30 -17.06
CA LYS C 39 -6.35 5.59 -18.22
C LYS C 39 -5.36 4.48 -17.81
N CYS C 40 -5.06 4.42 -16.51
CA CYS C 40 -4.12 3.45 -15.92
C CYS C 40 -4.70 2.02 -15.83
N VAL C 41 -4.82 1.38 -16.98
CA VAL C 41 -5.50 0.09 -17.14
C VAL C 41 -4.78 -1.06 -16.40
N ARG C 42 -3.46 -0.97 -16.33
CA ARG C 42 -2.66 -1.98 -15.65
C ARG C 42 -2.81 -1.89 -14.12
N ILE C 43 -2.64 -0.69 -13.58
CA ILE C 43 -2.89 -0.39 -12.17
C ILE C 43 -4.31 -0.78 -11.69
N LEU C 44 -5.31 -0.59 -12.54
CA LEU C 44 -6.68 -0.95 -12.17
C LEU C 44 -6.81 -2.47 -11.99
N LYS C 45 -6.15 -3.20 -12.87
CA LYS C 45 -6.20 -4.65 -12.88
C LYS C 45 -5.52 -5.19 -11.64
N GLN C 46 -4.34 -4.65 -11.36
CA GLN C 46 -3.56 -5.02 -10.20
C GLN C 46 -4.35 -4.78 -8.93
N PHE C 47 -4.89 -3.57 -8.80
CA PHE C 47 -5.79 -3.22 -7.72
C PHE C 47 -6.93 -4.25 -7.55
N HIS C 48 -7.57 -4.63 -8.67
CA HIS C 48 -8.70 -5.56 -8.58
C HIS C 48 -8.27 -7.00 -8.25
N LYS C 49 -7.11 -7.43 -8.73
CA LYS C 49 -6.61 -8.74 -8.35
C LYS C 49 -6.22 -8.77 -6.89
N ASP C 50 -5.61 -7.69 -6.41
CA ASP C 50 -5.22 -7.58 -4.99
C ASP C 50 -6.41 -7.60 -4.04
N LEU C 51 -7.48 -6.88 -4.42
CA LEU C 51 -8.73 -6.81 -3.66
C LEU C 51 -9.34 -8.20 -3.48
N GLU C 52 -9.48 -8.93 -4.59
CA GLU C 52 -9.98 -10.29 -4.56
C GLU C 52 -9.11 -11.21 -3.72
N ARG C 53 -7.81 -11.20 -3.98
CA ARG C 53 -6.89 -12.06 -3.24
C ARG C 53 -6.93 -11.81 -1.73
N GLU C 54 -6.97 -10.54 -1.31
CA GLU C 54 -7.17 -10.19 0.09
C GLU C 54 -8.50 -10.75 0.66
N LEU C 55 -9.61 -10.58 -0.08
CA LEU C 55 -10.88 -11.14 0.39
C LEU C 55 -10.76 -12.65 0.67
N LEU C 56 -10.26 -13.39 -0.30
CA LEU C 56 -10.18 -14.85 -0.26
C LEU C 56 -9.17 -15.37 0.78
N ARG C 57 -8.35 -14.46 1.28
CA ARG C 57 -7.29 -14.72 2.23
C ARG C 57 -7.73 -14.32 3.65
N ARG C 58 -8.81 -13.54 3.75
CA ARG C 58 -9.33 -12.99 5.00
C ARG C 58 -9.81 -14.09 5.95
#